data_6BHY
#
_entry.id   6BHY
#
_cell.length_a   103.233
_cell.length_b   89.215
_cell.length_c   69.851
_cell.angle_alpha   90.00
_cell.angle_beta   132.20
_cell.angle_gamma   90.00
#
_symmetry.space_group_name_H-M   'C 1 2 1'
#
loop_
_entity.id
_entity.type
_entity.pdbx_description
1 polymer 'Igh protein'
2 non-polymer 2-acetamido-2-deoxy-beta-D-glucopyranose
3 non-polymer 'SODIUM ION'
4 water water
#
_entity_poly.entity_id   1
_entity_poly.type   'polypeptide(L)'
_entity_poly.pdbx_seq_one_letter_code
;EPRVPITQNPCPPLKECPPCAAPDLLGGPSVFIFPPKIKDVLMISLSPMVTCVVVDVSEDDPDVQISWFVNNVEVHTAQT
QTHREDYNSTLRVVSALPIQHQDWMSGKEFKCKVNNRALPSPIEKTISKPRGPVRAPQVYVLPPPAEEMTKKEFSLTCMI
TGFLPAEIAVDWTSNGRTEQNYKNTATVLDSDGSYFMYSKLRVQKSTWERGSLFACSVVHEGLHNHLTTKTISRSLGK
;
_entity_poly.pdbx_strand_id   A,B
#
# COMPACT_ATOMS: atom_id res chain seq x y z
N GLY A 28 22.99 8.02 34.71
CA GLY A 28 21.69 7.33 34.98
C GLY A 28 20.94 6.95 33.71
N PRO A 29 19.70 6.49 33.85
CA PRO A 29 18.95 6.18 32.63
C PRO A 29 18.57 7.40 31.81
N SER A 30 18.49 7.27 30.47
CA SER A 30 17.85 8.32 29.71
C SER A 30 16.82 7.80 28.70
N VAL A 31 15.92 8.68 28.30
CA VAL A 31 14.79 8.32 27.49
C VAL A 31 14.77 9.11 26.19
N PHE A 32 14.51 8.43 25.08
CA PHE A 32 14.36 9.04 23.76
C PHE A 32 13.00 8.70 23.24
N ILE A 33 12.35 9.65 22.57
CA ILE A 33 11.00 9.39 21.99
C ILE A 33 11.08 9.58 20.51
N PHE A 34 10.36 8.76 19.75
CA PHE A 34 10.41 8.73 18.29
C PHE A 34 9.05 8.84 17.65
N PRO A 35 8.99 9.56 16.53
CA PRO A 35 7.70 9.70 15.85
C PRO A 35 7.37 8.51 14.97
N PRO A 36 6.12 8.39 14.47
CA PRO A 36 5.87 7.36 13.50
C PRO A 36 6.57 7.67 12.15
N LYS A 37 6.81 6.64 11.35
CA LYS A 37 7.25 6.75 9.96
C LYS A 37 6.13 7.30 9.11
N ILE A 38 6.46 8.23 8.23
CA ILE A 38 5.45 9.00 7.52
C ILE A 38 4.56 8.11 6.64
N LYS A 39 5.17 7.12 6.02
CA LYS A 39 4.38 6.19 5.24
C LYS A 39 3.37 5.44 6.08
N ASP A 40 3.75 4.95 7.24
CA ASP A 40 2.74 4.33 8.18
C ASP A 40 1.59 5.26 8.58
N VAL A 41 1.90 6.53 8.83
CA VAL A 41 0.85 7.50 9.22
C VAL A 41 -0.03 7.88 8.02
N LEU A 42 0.56 8.05 6.83
CA LEU A 42 -0.23 8.51 5.65
C LEU A 42 -1.06 7.45 4.95
N MET A 43 -1.09 6.24 5.47
CA MET A 43 -1.69 5.15 4.78
C MET A 43 -2.40 4.33 5.80
N ILE A 44 -3.69 4.18 5.59
CA ILE A 44 -4.62 3.74 6.61
C ILE A 44 -4.51 2.25 6.82
N SER A 45 -3.97 1.53 5.82
CA SER A 45 -3.73 0.08 6.01
C SER A 45 -2.56 -0.22 6.99
N LEU A 46 -1.66 0.74 7.20
CA LEU A 46 -0.43 0.46 7.98
C LEU A 46 -0.61 0.83 9.45
N SER A 47 0.39 0.47 10.28
CA SER A 47 0.32 0.63 11.75
C SER A 47 1.35 1.61 12.35
N PRO A 48 1.03 2.90 12.37
CA PRO A 48 1.99 3.88 12.93
C PRO A 48 2.21 3.69 14.46
N MET A 49 3.45 3.86 14.90
CA MET A 49 3.84 3.69 16.28
C MET A 49 4.57 4.95 16.75
N VAL A 50 4.37 5.32 18.01
CA VAL A 50 5.24 6.25 18.63
C VAL A 50 6.04 5.41 19.65
N THR A 51 7.32 5.64 19.74
CA THR A 51 8.21 4.76 20.53
C THR A 51 8.99 5.50 21.60
N CYS A 52 9.06 4.93 22.79
CA CYS A 52 9.90 5.47 23.90
C CYS A 52 11.01 4.46 24.16
N VAL A 53 12.26 4.91 24.12
CA VAL A 53 13.40 4.05 24.32
C VAL A 53 14.16 4.46 25.54
N VAL A 54 14.34 3.54 26.47
CA VAL A 54 15.02 3.87 27.72
C VAL A 54 16.39 3.18 27.68
N VAL A 55 17.45 3.98 27.67
CA VAL A 55 18.85 3.45 27.65
C VAL A 55 19.59 3.57 28.99
N ASP A 56 20.70 2.82 29.09
CA ASP A 56 21.54 2.84 30.27
C ASP A 56 20.76 2.57 31.58
N VAL A 57 19.92 1.56 31.54
CA VAL A 57 19.28 1.02 32.72
C VAL A 57 20.24 0.00 33.34
N SER A 58 20.63 0.25 34.59
CA SER A 58 21.59 -0.60 35.29
C SER A 58 20.97 -1.94 35.60
N GLU A 59 21.73 -3.02 35.42
CA GLU A 59 21.19 -4.34 35.86
C GLU A 59 21.00 -4.43 37.39
N ASP A 60 21.48 -3.44 38.17
CA ASP A 60 21.16 -3.29 39.62
C ASP A 60 19.73 -2.81 39.93
N ASP A 61 19.02 -2.20 38.94
CA ASP A 61 17.68 -1.70 39.17
C ASP A 61 16.99 -1.91 37.85
N PRO A 62 16.64 -3.16 37.56
CA PRO A 62 16.32 -3.51 36.17
C PRO A 62 14.89 -3.21 35.79
N ASP A 63 14.06 -2.92 36.77
CA ASP A 63 12.62 -2.85 36.52
C ASP A 63 12.25 -1.46 36.05
N VAL A 64 11.57 -1.37 34.92
CA VAL A 64 11.23 -0.08 34.37
C VAL A 64 9.77 -0.11 34.05
N GLN A 65 9.01 0.85 34.56
CA GLN A 65 7.58 0.97 34.24
C GLN A 65 7.38 2.19 33.26
N ILE A 66 6.74 1.97 32.13
CA ILE A 66 6.48 3.03 31.16
C ILE A 66 4.97 3.23 31.10
N SER A 67 4.51 4.43 31.25
CA SER A 67 3.08 4.67 30.99
C SER A 67 2.95 5.68 29.84
N TRP A 68 1.84 5.63 29.12
CA TRP A 68 1.64 6.40 27.94
C TRP A 68 0.36 7.21 28.06
N PHE A 69 0.38 8.40 27.45
CA PHE A 69 -0.74 9.33 27.47
C PHE A 69 -0.91 9.96 26.11
N VAL A 70 -2.15 10.24 25.72
CA VAL A 70 -2.49 10.85 24.43
C VAL A 70 -3.41 11.96 24.85
N ASN A 71 -2.98 13.19 24.63
CA ASN A 71 -3.59 14.39 25.31
C ASN A 71 -3.96 14.23 26.74
N ASN A 72 -3.05 13.74 27.54
CA ASN A 72 -3.31 13.53 28.95
C ASN A 72 -4.21 12.37 29.38
N VAL A 73 -4.73 11.60 28.45
CA VAL A 73 -5.46 10.44 28.85
C VAL A 73 -4.56 9.20 28.70
N GLU A 74 -4.49 8.39 29.74
CA GLU A 74 -3.73 7.18 29.76
C GLU A 74 -4.27 6.06 28.87
N VAL A 75 -3.33 5.43 28.14
CA VAL A 75 -3.64 4.40 27.17
C VAL A 75 -2.82 3.21 27.53
N HIS A 76 -3.35 2.00 27.34
CA HIS A 76 -2.67 0.77 27.77
C HIS A 76 -2.35 -0.21 26.64
N THR A 77 -2.28 0.28 25.40
CA THR A 77 -2.15 -0.56 24.24
C THR A 77 -0.65 -0.79 23.85
N ALA A 78 0.32 -0.19 24.53
CA ALA A 78 1.75 -0.27 24.07
C ALA A 78 2.33 -1.66 24.29
N GLN A 79 3.31 -2.02 23.48
CA GLN A 79 4.05 -3.28 23.62
C GLN A 79 5.47 -2.91 24.04
N THR A 80 5.93 -3.52 25.11
CA THR A 80 7.12 -3.07 25.82
C THR A 80 7.99 -4.26 25.94
N GLN A 81 9.21 -4.17 25.40
CA GLN A 81 10.28 -5.19 25.50
C GLN A 81 11.55 -4.67 26.18
N THR A 82 12.28 -5.58 26.85
CA THR A 82 13.62 -5.30 27.43
C THR A 82 14.67 -6.15 26.72
N HIS A 83 15.67 -5.47 26.14
CA HIS A 83 16.86 -6.11 25.53
C HIS A 83 18.04 -6.05 26.54
N ARG A 84 18.69 -7.19 26.76
CA ARG A 84 19.89 -7.27 27.62
C ARG A 84 21.08 -6.76 26.87
N GLU A 85 21.92 -5.99 27.55
CA GLU A 85 23.24 -5.62 27.01
C GLU A 85 24.30 -6.07 28.02
N ASP A 86 24.41 -7.39 28.21
CA ASP A 86 25.22 -7.94 29.33
C ASP A 86 26.68 -7.62 29.20
N TYR A 87 27.20 -7.44 27.98
CA TYR A 87 28.57 -6.95 27.78
C TYR A 87 28.84 -5.76 28.70
N ASN A 88 27.82 -4.97 28.96
CA ASN A 88 27.95 -3.72 29.75
C ASN A 88 27.14 -3.68 31.05
N SER A 89 26.63 -4.81 31.47
CA SER A 89 25.74 -4.96 32.61
C SER A 89 24.60 -3.92 32.57
N THR A 90 24.13 -3.61 31.33
CA THR A 90 22.97 -2.71 31.12
C THR A 90 21.80 -3.35 30.43
N LEU A 91 20.69 -2.61 30.44
CA LEU A 91 19.48 -3.03 29.75
C LEU A 91 18.99 -1.87 28.92
N ARG A 92 18.15 -2.18 27.95
CA ARG A 92 17.48 -1.12 27.12
C ARG A 92 16.02 -1.52 27.05
N VAL A 93 15.12 -0.58 27.30
CA VAL A 93 13.69 -0.89 27.25
C VAL A 93 13.13 -0.17 26.04
N VAL A 94 12.39 -0.88 25.19
CA VAL A 94 11.72 -0.29 24.00
C VAL A 94 10.20 -0.41 24.16
N SER A 95 9.48 0.68 24.28
CA SER A 95 8.01 0.66 24.39
C SER A 95 7.39 1.30 23.14
N ALA A 96 6.69 0.54 22.32
CA ALA A 96 6.02 1.08 21.08
C ALA A 96 4.50 1.17 21.24
N LEU A 97 3.95 2.39 21.17
CA LEU A 97 2.52 2.66 21.28
C LEU A 97 1.91 2.71 19.86
N PRO A 98 0.97 1.81 19.53
CA PRO A 98 0.29 1.83 18.19
C PRO A 98 -0.75 2.97 18.29
N ILE A 99 -0.72 3.91 17.36
CA ILE A 99 -1.50 5.15 17.50
C ILE A 99 -2.50 5.16 16.38
N GLN A 100 -3.49 6.04 16.51
CA GLN A 100 -4.42 6.27 15.44
C GLN A 100 -3.91 7.38 14.54
N HIS A 101 -4.11 7.20 13.23
CA HIS A 101 -3.49 8.03 12.22
C HIS A 101 -3.90 9.49 12.45
N GLN A 102 -5.18 9.71 12.73
CA GLN A 102 -5.73 11.06 12.86
C GLN A 102 -5.25 11.80 14.10
N ASP A 103 -4.89 11.05 15.16
CA ASP A 103 -4.34 11.67 16.35
C ASP A 103 -2.99 12.26 16.03
N TRP A 104 -2.17 11.54 15.23
CA TRP A 104 -0.92 12.12 14.84
C TRP A 104 -1.13 13.38 14.00
N MET A 105 -1.92 13.22 12.93
CA MET A 105 -2.10 14.27 11.93
C MET A 105 -2.71 15.54 12.52
N SER A 106 -3.64 15.39 13.48
CA SER A 106 -4.29 16.57 14.11
C SER A 106 -3.46 17.22 15.23
N GLY A 107 -2.25 16.75 15.49
CA GLY A 107 -1.38 17.46 16.48
C GLY A 107 -1.54 17.08 17.95
N LYS A 108 -2.17 15.97 18.27
CA LYS A 108 -2.26 15.54 19.66
C LYS A 108 -0.87 15.18 20.27
N GLU A 109 -0.72 15.43 21.59
CA GLU A 109 0.52 15.20 22.32
C GLU A 109 0.64 13.73 22.75
N PHE A 110 1.73 13.05 22.37
CA PHE A 110 1.97 11.69 22.86
C PHE A 110 3.05 11.75 23.91
N LYS A 111 2.86 11.12 25.03
CA LYS A 111 3.76 11.29 26.16
C LYS A 111 4.04 10.00 26.85
N CYS A 112 5.31 9.71 27.15
CA CYS A 112 5.65 8.53 27.93
C CYS A 112 6.24 8.99 29.25
N LYS A 113 5.80 8.38 30.36
CA LYS A 113 6.42 8.62 31.67
C LYS A 113 7.17 7.37 32.06
N VAL A 114 8.40 7.54 32.52
CA VAL A 114 9.29 6.40 32.79
C VAL A 114 9.63 6.41 34.27
N ASN A 115 9.33 5.32 34.94
CA ASN A 115 9.64 5.13 36.38
C ASN A 115 10.63 3.96 36.56
N ASN A 116 11.60 4.17 37.46
CA ASN A 116 12.67 3.17 37.82
C ASN A 116 13.05 3.46 39.30
N ARG A 117 13.60 2.44 39.97
CA ARG A 117 13.96 2.50 41.41
C ARG A 117 15.03 3.54 41.68
N ALA A 118 16.06 3.54 40.85
CA ALA A 118 17.20 4.44 40.94
C ALA A 118 16.98 5.84 40.40
N LEU A 119 15.79 6.15 39.87
CA LEU A 119 15.56 7.47 39.28
C LEU A 119 15.29 8.45 40.40
N PRO A 120 16.06 9.58 40.45
CA PRO A 120 15.70 10.65 41.40
C PRO A 120 14.23 11.04 41.35
N SER A 121 13.67 11.06 40.12
CA SER A 121 12.21 11.17 39.88
C SER A 121 11.83 10.69 38.45
N PRO A 122 10.53 10.47 38.18
CA PRO A 122 10.09 9.99 36.86
C PRO A 122 10.54 10.92 35.71
N ILE A 123 10.95 10.35 34.58
CA ILE A 123 11.33 11.11 33.38
C ILE A 123 10.13 11.01 32.40
N GLU A 124 9.81 12.14 31.78
CA GLU A 124 8.71 12.26 30.80
C GLU A 124 9.29 12.77 29.50
N LYS A 125 8.84 12.18 28.40
CA LYS A 125 9.10 12.73 27.10
C LYS A 125 7.79 12.85 26.35
N THR A 126 7.73 13.89 25.54
CA THR A 126 6.57 14.28 24.76
C THR A 126 6.92 14.48 23.29
N ILE A 127 6.00 14.16 22.38
CA ILE A 127 6.20 14.42 20.95
C ILE A 127 4.85 14.63 20.26
N SER A 128 4.84 15.52 19.29
CA SER A 128 3.68 15.73 18.45
C SER A 128 4.10 16.23 17.08
N LYS A 129 3.19 16.17 16.14
CA LYS A 129 3.41 16.70 14.78
C LYS A 129 3.33 18.22 14.80
N PRO A 130 4.42 18.93 14.44
CA PRO A 130 4.32 20.40 14.45
C PRO A 130 3.33 20.91 13.39
N ARG A 131 2.64 21.99 13.72
CA ARG A 131 1.80 22.70 12.76
C ARG A 131 2.79 23.56 11.93
N GLY A 132 2.55 23.75 10.65
CA GLY A 132 3.50 24.49 9.80
C GLY A 132 3.01 24.47 8.37
N PRO A 133 3.66 25.24 7.47
CA PRO A 133 3.13 25.15 6.09
C PRO A 133 3.53 23.85 5.39
N VAL A 134 2.70 23.49 4.41
CA VAL A 134 2.78 22.25 3.69
C VAL A 134 2.92 22.65 2.23
N ARG A 135 3.96 22.11 1.55
CA ARG A 135 4.18 22.34 0.15
C ARG A 135 4.36 20.97 -0.50
N ALA A 136 3.53 20.68 -1.50
CA ALA A 136 3.58 19.41 -2.23
C ALA A 136 4.93 19.22 -2.94
N PRO A 137 5.45 18.02 -3.00
CA PRO A 137 6.61 17.79 -3.89
C PRO A 137 6.30 17.92 -5.39
N GLN A 138 7.24 18.47 -6.11
CA GLN A 138 7.27 18.47 -7.56
C GLN A 138 8.08 17.25 -7.90
N VAL A 139 7.54 16.33 -8.69
CA VAL A 139 8.20 15.10 -9.00
C VAL A 139 8.51 15.00 -10.50
N TYR A 140 9.76 14.68 -10.84
CA TYR A 140 10.14 14.60 -12.26
C TYR A 140 11.06 13.39 -12.53
N VAL A 141 10.72 12.54 -13.50
CA VAL A 141 11.62 11.49 -13.90
C VAL A 141 12.45 12.03 -15.06
N LEU A 142 13.76 12.03 -14.88
CA LEU A 142 14.60 12.70 -15.83
C LEU A 142 14.92 11.75 -16.98
N PRO A 143 14.86 12.24 -18.24
CA PRO A 143 15.13 11.30 -19.33
C PRO A 143 16.63 10.90 -19.34
N PRO A 144 16.91 9.60 -19.52
CA PRO A 144 18.31 9.09 -19.49
C PRO A 144 19.11 9.53 -20.72
N PRO A 145 20.39 9.92 -20.55
CA PRO A 145 21.24 10.22 -21.71
C PRO A 145 21.38 9.03 -22.70
N ALA A 146 21.53 9.33 -23.99
CA ALA A 146 21.60 8.32 -25.07
C ALA A 146 22.74 7.32 -24.92
N GLU A 147 23.85 7.82 -24.41
CA GLU A 147 25.03 7.00 -24.17
C GLU A 147 24.72 5.90 -23.16
N GLU A 148 23.95 6.24 -22.14
CA GLU A 148 23.57 5.27 -21.11
C GLU A 148 22.61 4.20 -21.62
N MET A 149 21.69 4.56 -22.50
CA MET A 149 20.65 3.61 -23.00
C MET A 149 21.15 2.50 -23.92
N THR A 150 22.34 2.68 -24.50
CA THR A 150 23.02 1.63 -25.26
C THR A 150 23.67 0.57 -24.33
N LYS A 151 23.89 0.90 -23.05
CA LYS A 151 24.44 -0.08 -22.07
C LYS A 151 23.42 -1.08 -21.57
N LYS A 152 23.93 -2.21 -21.09
CA LYS A 152 23.10 -3.32 -20.64
C LYS A 152 22.20 -2.98 -19.39
N GLU A 153 22.71 -2.07 -18.60
CA GLU A 153 22.11 -1.68 -17.35
C GLU A 153 22.36 -0.19 -17.29
N PHE A 154 21.37 0.56 -16.84
CA PHE A 154 21.55 1.97 -16.64
C PHE A 154 20.55 2.45 -15.61
N SER A 155 20.66 3.74 -15.30
CA SER A 155 20.01 4.38 -14.17
C SER A 155 18.94 5.35 -14.62
N LEU A 156 17.76 5.26 -14.03
CA LEU A 156 16.76 6.33 -14.16
C LEU A 156 16.78 7.17 -12.85
N THR A 157 16.56 8.46 -13.00
CA THR A 157 16.61 9.44 -11.92
C THR A 157 15.27 10.11 -11.74
N CYS A 158 14.78 10.09 -10.52
CA CYS A 158 13.62 10.80 -10.10
C CYS A 158 14.09 12.00 -9.24
N MET A 159 13.72 13.21 -9.64
CA MET A 159 14.12 14.37 -8.93
C MET A 159 12.85 14.86 -8.23
N ILE A 160 12.94 15.09 -6.93
CA ILE A 160 11.83 15.53 -6.08
C ILE A 160 12.17 16.83 -5.35
N THR A 161 11.49 17.90 -5.68
CA THR A 161 11.80 19.18 -5.13
C THR A 161 10.65 19.94 -4.48
N GLY A 162 11.02 20.98 -3.78
CA GLY A 162 10.10 21.88 -3.13
C GLY A 162 9.07 21.36 -2.16
N PHE A 163 9.39 20.34 -1.39
CA PHE A 163 8.44 19.82 -0.44
C PHE A 163 8.63 20.27 0.98
N LEU A 164 7.53 20.44 1.68
CA LEU A 164 7.58 20.75 3.12
C LEU A 164 6.41 20.12 3.79
N PRO A 165 6.55 19.49 4.96
CA PRO A 165 7.78 19.18 5.67
C PRO A 165 8.63 18.10 4.99
N ALA A 166 9.77 17.81 5.63
CA ALA A 166 10.84 16.95 5.12
C ALA A 166 10.42 15.49 4.93
N GLU A 167 9.41 15.04 5.70
CA GLU A 167 9.12 13.63 5.76
C GLU A 167 8.46 13.22 4.47
N ILE A 168 9.02 12.18 3.84
CA ILE A 168 8.61 11.73 2.54
C ILE A 168 9.00 10.26 2.39
N ALA A 169 8.29 9.49 1.58
CA ALA A 169 8.71 8.13 1.25
C ALA A 169 8.69 8.00 -0.29
N VAL A 170 9.76 7.46 -0.83
CA VAL A 170 9.95 7.36 -2.27
C VAL A 170 10.34 5.95 -2.65
N ASP A 171 9.71 5.45 -3.70
CA ASP A 171 10.10 4.15 -4.26
C ASP A 171 9.70 4.05 -5.76
N TRP A 172 9.96 2.92 -6.39
CA TRP A 172 9.63 2.77 -7.82
C TRP A 172 8.87 1.46 -8.05
N THR A 173 8.08 1.45 -9.14
CA THR A 173 7.48 0.23 -9.71
C THR A 173 7.91 0.04 -11.19
N SER A 174 8.09 -1.24 -11.59
CA SER A 174 8.17 -1.69 -13.03
C SER A 174 6.99 -2.64 -13.38
N ASN A 175 6.18 -2.23 -14.36
CA ASN A 175 4.88 -2.87 -14.73
C ASN A 175 3.84 -2.91 -13.60
N GLY A 176 3.97 -2.01 -12.63
CA GLY A 176 3.07 -1.99 -11.48
C GLY A 176 3.54 -2.81 -10.30
N ARG A 177 4.70 -3.46 -10.38
CA ARG A 177 5.25 -4.16 -9.21
C ARG A 177 6.44 -3.42 -8.65
N THR A 178 6.39 -3.20 -7.33
CA THR A 178 7.41 -2.46 -6.64
C THR A 178 8.75 -3.05 -6.90
N GLU A 179 9.65 -2.19 -7.35
CA GLU A 179 11.02 -2.55 -7.64
C GLU A 179 11.85 -2.56 -6.36
N GLN A 180 12.90 -3.35 -6.41
CA GLN A 180 13.88 -3.51 -5.34
C GLN A 180 15.14 -2.67 -5.60
N ASN A 181 15.64 -2.66 -6.84
CA ASN A 181 16.98 -2.14 -7.20
C ASN A 181 17.06 -0.61 -7.39
N TYR A 182 16.67 0.14 -6.36
CA TYR A 182 16.77 1.57 -6.36
C TYR A 182 17.41 2.06 -5.07
N LYS A 183 17.95 3.28 -5.07
CA LYS A 183 18.47 3.88 -3.87
C LYS A 183 18.04 5.35 -3.85
N ASN A 184 17.75 5.81 -2.66
CA ASN A 184 17.36 7.16 -2.38
C ASN A 184 18.49 7.92 -1.75
N THR A 185 18.62 9.19 -2.13
CA THR A 185 19.43 10.13 -1.33
C THR A 185 18.67 10.59 -0.08
N ALA A 186 19.41 11.12 0.90
CA ALA A 186 18.80 11.80 2.06
C ALA A 186 18.13 13.08 1.54
N THR A 187 17.15 13.61 2.27
CA THR A 187 16.56 14.86 1.90
C THR A 187 17.52 15.95 2.27
N VAL A 188 17.49 17.06 1.55
CA VAL A 188 18.44 18.15 1.75
C VAL A 188 17.67 19.45 1.76
N LEU A 189 18.03 20.34 2.68
CA LEU A 189 17.36 21.63 2.78
C LEU A 189 17.79 22.52 1.61
N ASP A 190 16.82 23.01 0.85
CA ASP A 190 17.07 23.90 -0.31
C ASP A 190 17.07 25.33 0.25
N SER A 191 17.45 26.31 -0.57
CA SER A 191 17.68 27.67 -0.10
C SER A 191 16.40 28.52 0.06
N ASP A 192 15.26 28.04 -0.45
CA ASP A 192 13.97 28.71 -0.27
C ASP A 192 13.20 28.07 0.90
N GLY A 193 13.87 27.34 1.81
CA GLY A 193 13.13 26.72 2.92
C GLY A 193 12.35 25.43 2.61
N SER A 194 12.31 24.97 1.35
CA SER A 194 11.79 23.62 1.05
C SER A 194 12.95 22.61 0.99
N TYR A 195 12.58 21.35 0.89
CA TYR A 195 13.52 20.25 0.70
C TYR A 195 13.47 19.63 -0.69
N PHE A 196 14.56 18.91 -0.98
CA PHE A 196 14.67 18.08 -2.16
C PHE A 196 15.42 16.80 -1.89
N MET A 197 15.30 15.90 -2.82
CA MET A 197 16.05 14.65 -2.83
C MET A 197 16.05 14.07 -4.24
N TYR A 198 16.84 13.01 -4.41
CA TYR A 198 16.86 12.28 -5.67
C TYR A 198 16.76 10.81 -5.38
N SER A 199 16.14 10.09 -6.32
CA SER A 199 16.06 8.64 -6.24
C SER A 199 16.63 8.02 -7.56
N LYS A 200 17.48 7.00 -7.47
CA LYS A 200 18.11 6.39 -8.64
C LYS A 200 17.67 4.93 -8.75
N LEU A 201 16.98 4.57 -9.84
CA LEU A 201 16.58 3.14 -10.10
C LEU A 201 17.50 2.48 -11.13
N ARG A 202 18.03 1.28 -10.88
CA ARG A 202 18.84 0.58 -11.92
C ARG A 202 17.90 -0.21 -12.84
N VAL A 203 18.03 -0.06 -14.14
CA VAL A 203 17.13 -0.71 -15.08
C VAL A 203 17.91 -1.52 -16.09
N GLN A 204 17.35 -2.68 -16.45
CA GLN A 204 17.88 -3.52 -17.53
C GLN A 204 17.43 -3.03 -18.89
N LYS A 205 18.39 -2.82 -19.77
CA LYS A 205 18.13 -2.52 -21.18
C LYS A 205 17.12 -3.48 -21.82
N SER A 206 17.22 -4.77 -21.53
CA SER A 206 16.28 -5.75 -22.10
C SER A 206 14.83 -5.52 -21.59
N THR A 207 14.69 -5.07 -20.35
CA THR A 207 13.39 -4.76 -19.81
C THR A 207 12.89 -3.44 -20.34
N TRP A 208 13.81 -2.51 -20.57
CA TRP A 208 13.45 -1.18 -21.07
C TRP A 208 13.04 -1.26 -22.54
N GLU A 209 13.70 -2.11 -23.30
CA GLU A 209 13.40 -2.27 -24.72
C GLU A 209 12.08 -2.99 -24.92
N ARG A 210 11.66 -3.75 -23.91
CA ARG A 210 10.40 -4.49 -23.98
C ARG A 210 9.20 -3.56 -23.86
N GLY A 211 9.48 -2.29 -23.57
CA GLY A 211 8.42 -1.31 -23.43
C GLY A 211 7.78 -1.32 -22.06
N SER A 212 8.55 -1.73 -21.06
CA SER A 212 8.08 -1.80 -19.68
C SER A 212 7.85 -0.40 -19.11
N LEU A 213 6.86 -0.28 -18.23
CA LEU A 213 6.54 1.00 -17.61
C LEU A 213 7.32 1.19 -16.30
N PHE A 214 7.99 2.33 -16.18
CA PHE A 214 8.78 2.64 -14.96
C PHE A 214 8.17 3.85 -14.27
N ALA A 215 7.90 3.74 -12.98
CA ALA A 215 7.17 4.72 -12.23
C ALA A 215 7.88 5.03 -10.90
N CYS A 216 8.10 6.32 -10.64
CA CYS A 216 8.64 6.83 -9.36
C CYS A 216 7.39 7.24 -8.53
N SER A 217 7.19 6.59 -7.39
CA SER A 217 6.03 6.77 -6.54
C SER A 217 6.43 7.49 -5.27
N VAL A 218 5.71 8.57 -4.96
CA VAL A 218 6.08 9.48 -3.91
C VAL A 218 4.88 9.63 -2.89
N VAL A 219 5.17 9.38 -1.62
CA VAL A 219 4.19 9.54 -0.52
C VAL A 219 4.53 10.81 0.31
N HIS A 220 3.60 11.74 0.41
CA HIS A 220 3.83 12.98 1.15
C HIS A 220 2.48 13.59 1.53
N GLU A 221 2.44 14.28 2.66
CA GLU A 221 1.18 14.76 3.20
C GLU A 221 0.55 15.86 2.35
N GLY A 222 1.35 16.53 1.53
CA GLY A 222 0.87 17.59 0.63
C GLY A 222 0.25 17.14 -0.64
N LEU A 223 0.27 15.85 -0.93
CA LEU A 223 -0.27 15.36 -2.17
C LEU A 223 -1.71 14.91 -1.94
N HIS A 224 -2.57 15.10 -2.91
CA HIS A 224 -3.90 14.50 -2.88
C HIS A 224 -3.77 12.96 -2.81
N ASN A 225 -4.50 12.37 -1.86
CA ASN A 225 -4.56 10.96 -1.60
C ASN A 225 -3.19 10.49 -1.13
N HIS A 226 -2.37 11.46 -0.68
CA HIS A 226 -1.06 11.30 -0.15
C HIS A 226 -0.05 10.59 -1.04
N LEU A 227 -0.31 10.51 -2.33
CA LEU A 227 0.50 9.74 -3.28
C LEU A 227 0.48 10.43 -4.68
N THR A 228 1.64 10.59 -5.34
CA THR A 228 1.67 10.75 -6.81
C THR A 228 2.68 9.84 -7.44
N THR A 229 2.48 9.57 -8.72
CA THR A 229 3.37 8.75 -9.51
C THR A 229 3.83 9.54 -10.78
N LYS A 230 5.06 9.29 -11.22
CA LYS A 230 5.52 9.81 -12.50
C LYS A 230 6.19 8.70 -13.22
N THR A 231 5.82 8.56 -14.50
CA THR A 231 6.13 7.35 -15.28
C THR A 231 7.02 7.65 -16.45
N ILE A 232 7.77 6.67 -16.88
CA ILE A 232 8.59 6.84 -18.09
C ILE A 232 8.69 5.47 -18.71
N SER A 233 8.82 5.44 -20.05
CA SER A 233 9.15 4.20 -20.82
C SER A 233 9.93 4.52 -22.12
N ARG A 234 10.35 3.50 -22.87
CA ARG A 234 10.96 3.69 -24.23
C ARG A 234 10.03 4.51 -25.11
N SER A 235 10.57 5.32 -26.00
CA SER A 235 9.77 5.86 -27.13
C SER A 235 9.30 4.74 -28.10
N LEU A 236 7.99 4.75 -28.42
CA LEU A 236 7.36 3.68 -29.23
C LEU A 236 7.24 4.09 -30.68
N GLY B 28 -16.80 -11.75 -35.50
CA GLY B 28 -17.38 -10.37 -35.31
C GLY B 28 -16.97 -9.85 -33.94
N PRO B 29 -16.98 -8.52 -33.73
CA PRO B 29 -16.45 -7.94 -32.47
C PRO B 29 -17.30 -8.33 -31.29
N SER B 30 -16.68 -8.57 -30.14
CA SER B 30 -17.37 -8.89 -28.84
C SER B 30 -16.96 -7.82 -27.82
N VAL B 31 -17.72 -7.72 -26.75
CA VAL B 31 -17.51 -6.64 -25.79
C VAL B 31 -17.55 -7.25 -24.41
N PHE B 32 -16.58 -6.91 -23.56
CA PHE B 32 -16.53 -7.41 -22.21
C PHE B 32 -16.52 -6.16 -21.33
N ILE B 33 -17.31 -6.20 -20.25
CA ILE B 33 -17.33 -5.09 -19.29
C ILE B 33 -16.75 -5.62 -17.96
N PHE B 34 -15.91 -4.84 -17.31
CA PHE B 34 -15.19 -5.18 -16.07
C PHE B 34 -15.53 -4.23 -14.89
N PRO B 35 -15.76 -4.78 -13.69
CA PRO B 35 -16.08 -3.95 -12.54
C PRO B 35 -14.80 -3.36 -12.01
N PRO B 36 -14.88 -2.38 -11.09
CA PRO B 36 -13.66 -1.90 -10.45
C PRO B 36 -13.02 -2.98 -9.57
N LYS B 37 -11.74 -2.86 -9.34
CA LYS B 37 -11.06 -3.76 -8.37
C LYS B 37 -11.64 -3.50 -7.01
N ILE B 38 -11.81 -4.55 -6.22
CA ILE B 38 -12.46 -4.42 -4.91
C ILE B 38 -11.73 -3.39 -4.01
N LYS B 39 -10.43 -3.48 -4.01
CA LYS B 39 -9.65 -2.59 -3.20
C LYS B 39 -9.84 -1.10 -3.67
N ASP B 40 -9.93 -0.88 -4.98
CA ASP B 40 -10.08 0.48 -5.50
C ASP B 40 -11.39 1.04 -5.04
N VAL B 41 -12.44 0.23 -4.93
CA VAL B 41 -13.72 0.78 -4.48
C VAL B 41 -13.95 0.79 -3.04
N LEU B 42 -13.23 -0.01 -2.29
CA LEU B 42 -13.40 0.04 -0.85
C LEU B 42 -12.41 1.00 -0.17
N MET B 43 -11.37 1.49 -0.84
CA MET B 43 -10.39 2.43 -0.24
C MET B 43 -10.51 3.82 -0.90
N ILE B 44 -10.78 4.84 -0.08
CA ILE B 44 -11.02 6.18 -0.58
C ILE B 44 -9.84 6.84 -1.34
N SER B 45 -8.61 6.55 -0.98
CA SER B 45 -7.45 7.14 -1.72
C SER B 45 -7.19 6.55 -3.13
N LEU B 46 -7.93 5.51 -3.53
CA LEU B 46 -7.68 4.88 -4.83
C LEU B 46 -8.71 5.37 -5.86
N SER B 47 -8.58 4.87 -7.07
CA SER B 47 -9.24 5.41 -8.22
C SER B 47 -9.96 4.26 -8.97
N PRO B 48 -11.17 3.91 -8.55
CA PRO B 48 -11.85 2.82 -9.24
C PRO B 48 -12.25 3.22 -10.69
N MET B 49 -12.29 2.19 -11.55
CA MET B 49 -12.62 2.27 -12.98
C MET B 49 -13.64 1.19 -13.35
N VAL B 50 -14.59 1.51 -14.25
CA VAL B 50 -15.40 0.53 -14.95
C VAL B 50 -14.84 0.54 -16.39
N THR B 51 -14.64 -0.64 -16.98
CA THR B 51 -13.93 -0.72 -18.24
C THR B 51 -14.75 -1.61 -19.23
N CYS B 52 -14.91 -1.10 -20.45
CA CYS B 52 -15.42 -1.85 -21.57
C CYS B 52 -14.24 -2.17 -22.54
N VAL B 53 -14.11 -3.43 -22.95
CA VAL B 53 -13.08 -3.90 -23.81
C VAL B 53 -13.78 -4.50 -25.05
N VAL B 54 -13.46 -3.99 -26.20
CA VAL B 54 -14.00 -4.45 -27.49
C VAL B 54 -12.88 -5.30 -28.18
N VAL B 55 -13.14 -6.57 -28.42
CA VAL B 55 -12.12 -7.46 -28.98
C VAL B 55 -12.52 -7.96 -30.39
N ASP B 56 -11.55 -8.39 -31.21
CA ASP B 56 -11.84 -8.88 -32.55
C ASP B 56 -12.51 -7.83 -33.43
N VAL B 57 -12.02 -6.60 -33.37
CA VAL B 57 -12.40 -5.57 -34.28
C VAL B 57 -11.57 -5.81 -35.54
N SER B 58 -12.24 -6.06 -36.64
CA SER B 58 -11.61 -6.29 -37.95
C SER B 58 -10.81 -5.08 -38.48
N GLU B 59 -9.59 -5.33 -38.97
CA GLU B 59 -8.85 -4.39 -39.83
C GLU B 59 -9.76 -3.73 -40.87
N ASP B 60 -10.66 -4.49 -41.47
CA ASP B 60 -11.60 -3.94 -42.49
C ASP B 60 -12.64 -2.94 -42.00
N ASP B 61 -12.99 -2.95 -40.71
CA ASP B 61 -14.08 -2.10 -40.16
C ASP B 61 -13.57 -1.57 -38.86
N PRO B 62 -12.54 -0.71 -38.90
CA PRO B 62 -11.77 -0.52 -37.69
C PRO B 62 -12.32 0.52 -36.71
N ASP B 63 -13.30 1.28 -37.15
CA ASP B 63 -13.81 2.42 -36.43
C ASP B 63 -14.86 1.96 -35.41
N VAL B 64 -14.63 2.20 -34.13
CA VAL B 64 -15.54 1.80 -33.04
C VAL B 64 -15.95 3.04 -32.24
N GLN B 65 -17.25 3.25 -32.02
CA GLN B 65 -17.75 4.38 -31.17
C GLN B 65 -18.27 3.81 -29.85
N ILE B 66 -17.65 4.21 -28.75
CA ILE B 66 -18.06 3.80 -27.42
C ILE B 66 -18.75 4.99 -26.70
N SER B 67 -19.87 4.77 -26.04
CA SER B 67 -20.50 5.81 -25.30
C SER B 67 -20.89 5.19 -23.96
N TRP B 68 -20.88 6.00 -22.90
CA TRP B 68 -21.07 5.53 -21.53
C TRP B 68 -22.28 6.16 -20.86
N PHE B 69 -22.88 5.42 -19.94
CA PHE B 69 -24.14 5.82 -19.28
C PHE B 69 -24.11 5.44 -17.80
N VAL B 70 -24.57 6.31 -16.91
CA VAL B 70 -24.71 6.00 -15.49
C VAL B 70 -26.21 6.23 -15.19
N ASN B 71 -26.92 5.20 -14.81
CA ASN B 71 -28.38 5.22 -14.71
C ASN B 71 -29.04 5.89 -15.93
N ASN B 72 -28.64 5.44 -17.10
CA ASN B 72 -29.09 6.00 -18.40
C ASN B 72 -28.83 7.47 -18.67
N VAL B 73 -27.99 8.15 -17.89
CA VAL B 73 -27.53 9.48 -18.23
C VAL B 73 -26.16 9.37 -18.93
N GLU B 74 -26.05 9.93 -20.13
CA GLU B 74 -24.80 9.88 -20.92
C GLU B 74 -23.71 10.69 -20.25
N VAL B 75 -22.50 10.11 -20.16
CA VAL B 75 -21.37 10.75 -19.50
C VAL B 75 -20.14 10.80 -20.40
N HIS B 76 -19.26 11.76 -20.16
CA HIS B 76 -18.22 12.04 -21.15
C HIS B 76 -16.78 11.98 -20.68
N THR B 77 -16.48 11.42 -19.52
CA THR B 77 -15.11 11.45 -18.99
C THR B 77 -14.31 10.18 -19.28
N ALA B 78 -14.81 9.23 -20.06
CA ALA B 78 -14.11 7.91 -20.23
C ALA B 78 -12.82 8.10 -21.00
N GLN B 79 -11.77 7.33 -20.70
CA GLN B 79 -10.49 7.42 -21.40
C GLN B 79 -10.44 6.16 -22.27
N THR B 80 -10.14 6.37 -23.58
CA THR B 80 -10.16 5.26 -24.56
C THR B 80 -8.78 5.04 -25.18
N GLN B 81 -8.35 3.79 -25.31
CA GLN B 81 -7.11 3.49 -26.10
C GLN B 81 -7.37 2.35 -27.10
N THR B 82 -6.58 2.33 -28.18
CA THR B 82 -6.76 1.40 -29.28
C THR B 82 -5.45 0.72 -29.46
N HIS B 83 -5.45 -0.61 -29.56
CA HIS B 83 -4.26 -1.46 -29.68
C HIS B 83 -4.45 -2.21 -31.00
N ARG B 84 -3.46 -2.17 -31.87
CA ARG B 84 -3.42 -3.04 -33.02
C ARG B 84 -2.95 -4.42 -32.66
N GLU B 85 -3.62 -5.43 -33.20
CA GLU B 85 -3.25 -6.84 -33.15
C GLU B 85 -2.98 -7.29 -34.60
N ASP B 86 -1.93 -6.70 -35.16
CA ASP B 86 -1.48 -6.93 -36.53
C ASP B 86 -1.38 -8.44 -36.81
N TYR B 87 -0.79 -9.19 -35.87
CA TYR B 87 -0.61 -10.65 -36.01
C TYR B 87 -1.89 -11.45 -36.37
N ASN B 88 -3.07 -10.91 -36.03
CA ASN B 88 -4.33 -11.58 -36.35
C ASN B 88 -5.29 -10.68 -37.10
N SER B 89 -4.79 -9.61 -37.70
CA SER B 89 -5.57 -8.67 -38.49
C SER B 89 -6.78 -8.08 -37.76
N THR B 90 -6.55 -7.73 -36.47
CA THR B 90 -7.59 -7.18 -35.60
C THR B 90 -7.09 -6.02 -34.81
N LEU B 91 -8.01 -5.38 -34.08
CA LEU B 91 -7.69 -4.34 -33.16
C LEU B 91 -8.47 -4.61 -31.85
N ARG B 92 -8.02 -3.99 -30.77
CA ARG B 92 -8.70 -4.07 -29.47
C ARG B 92 -8.86 -2.64 -28.97
N VAL B 93 -10.05 -2.29 -28.48
CA VAL B 93 -10.31 -0.94 -28.00
C VAL B 93 -10.67 -1.05 -26.55
N VAL B 94 -10.02 -0.28 -25.72
CA VAL B 94 -10.22 -0.35 -24.27
C VAL B 94 -10.76 1.03 -23.83
N SER B 95 -11.93 1.07 -23.24
CA SER B 95 -12.48 2.37 -22.71
C SER B 95 -12.71 2.24 -21.24
N ALA B 96 -12.07 3.09 -20.44
CA ALA B 96 -12.17 3.06 -18.92
C ALA B 96 -12.84 4.32 -18.43
N LEU B 97 -13.96 4.16 -17.77
CA LEU B 97 -14.61 5.25 -17.02
C LEU B 97 -14.10 5.36 -15.59
N PRO B 98 -13.49 6.50 -15.21
CA PRO B 98 -13.20 6.79 -13.79
C PRO B 98 -14.45 7.10 -12.95
N ILE B 99 -14.66 6.31 -11.91
CA ILE B 99 -15.90 6.41 -11.12
C ILE B 99 -15.58 6.74 -9.71
N GLN B 100 -16.61 7.09 -8.99
CA GLN B 100 -16.51 7.45 -7.62
C GLN B 100 -17.00 6.27 -6.79
N HIS B 101 -16.34 6.05 -5.67
CA HIS B 101 -16.59 4.88 -4.85
C HIS B 101 -18.11 4.78 -4.42
N GLN B 102 -18.71 5.88 -3.99
CA GLN B 102 -20.13 5.84 -3.56
C GLN B 102 -21.16 5.47 -4.62
N ASP B 103 -20.90 5.86 -5.85
CA ASP B 103 -21.78 5.50 -6.94
C ASP B 103 -21.76 3.98 -7.17
N TRP B 104 -20.59 3.36 -7.06
CA TRP B 104 -20.53 1.93 -7.15
C TRP B 104 -21.26 1.29 -5.94
N MET B 105 -20.92 1.69 -4.73
CA MET B 105 -21.48 1.10 -3.49
C MET B 105 -22.98 1.29 -3.34
N SER B 106 -23.53 2.35 -3.92
CA SER B 106 -24.96 2.60 -3.83
C SER B 106 -25.76 1.86 -4.91
N GLY B 107 -25.11 1.09 -5.81
CA GLY B 107 -25.89 0.33 -6.82
C GLY B 107 -26.14 0.94 -8.19
N LYS B 108 -25.51 2.04 -8.57
CA LYS B 108 -25.80 2.61 -9.89
C LYS B 108 -25.31 1.65 -10.98
N GLU B 109 -26.00 1.71 -12.13
CA GLU B 109 -25.77 0.88 -13.31
C GLU B 109 -24.90 1.61 -14.26
N PHE B 110 -23.80 0.98 -14.64
CA PHE B 110 -22.80 1.52 -15.54
C PHE B 110 -22.96 0.76 -16.83
N LYS B 111 -23.09 1.50 -17.95
CA LYS B 111 -23.41 0.90 -19.24
C LYS B 111 -22.52 1.45 -20.31
N CYS B 112 -21.90 0.61 -21.14
CA CYS B 112 -21.21 1.10 -22.31
C CYS B 112 -21.99 0.62 -23.55
N LYS B 113 -22.23 1.48 -24.52
CA LYS B 113 -22.81 1.09 -25.81
C LYS B 113 -21.71 1.18 -26.92
N VAL B 114 -21.55 0.11 -27.68
CA VAL B 114 -20.47 -0.02 -28.66
C VAL B 114 -21.08 -0.08 -30.04
N ASN B 115 -20.66 0.80 -30.93
CA ASN B 115 -21.07 0.78 -32.34
C ASN B 115 -19.86 0.55 -33.27
N ASN B 116 -20.13 -0.16 -34.36
CA ASN B 116 -19.12 -0.53 -35.37
C ASN B 116 -19.94 -1.10 -36.56
N ARG B 117 -19.45 -0.80 -37.75
CA ARG B 117 -20.09 -1.11 -39.03
C ARG B 117 -20.27 -2.64 -39.25
N ALA B 118 -19.49 -3.47 -38.54
CA ALA B 118 -19.55 -4.93 -38.72
C ALA B 118 -20.57 -5.54 -37.77
N LEU B 119 -21.19 -4.75 -36.89
CA LEU B 119 -22.25 -5.24 -36.00
C LEU B 119 -23.63 -4.98 -36.60
N PRO B 120 -24.62 -5.87 -36.46
CA PRO B 120 -25.97 -5.55 -37.00
C PRO B 120 -26.67 -4.43 -36.27
N SER B 121 -26.38 -4.34 -34.97
CA SER B 121 -26.86 -3.27 -34.11
C SER B 121 -25.83 -3.10 -32.98
N PRO B 122 -25.92 -1.98 -32.24
CA PRO B 122 -24.94 -1.66 -31.18
C PRO B 122 -25.02 -2.68 -30.10
N ILE B 123 -23.90 -3.03 -29.49
CA ILE B 123 -23.89 -3.92 -28.37
C ILE B 123 -23.86 -3.06 -27.10
N GLU B 124 -24.69 -3.40 -26.14
CA GLU B 124 -24.74 -2.70 -24.84
C GLU B 124 -24.36 -3.66 -23.75
N LYS B 125 -23.46 -3.28 -22.85
CA LYS B 125 -23.12 -4.11 -21.71
C LYS B 125 -23.39 -3.25 -20.42
N THR B 126 -23.93 -3.85 -19.38
CA THR B 126 -24.15 -3.10 -18.17
C THR B 126 -23.61 -3.86 -16.99
N ILE B 127 -23.14 -3.14 -15.98
CA ILE B 127 -22.68 -3.78 -14.79
C ILE B 127 -23.03 -2.93 -13.58
N SER B 128 -23.17 -3.55 -12.41
CA SER B 128 -23.48 -2.82 -11.19
C SER B 128 -23.13 -3.67 -10.05
N LYS B 129 -22.99 -3.10 -8.86
CA LYS B 129 -22.79 -3.94 -7.66
C LYS B 129 -24.08 -4.71 -7.37
N PRO B 130 -23.99 -6.03 -7.33
CA PRO B 130 -25.17 -6.80 -7.00
C PRO B 130 -25.52 -6.57 -5.53
N ARG B 131 -26.81 -6.45 -5.29
CA ARG B 131 -27.39 -6.32 -3.97
C ARG B 131 -27.27 -7.76 -3.47
N GLY B 132 -27.12 -7.99 -2.19
CA GLY B 132 -26.82 -9.35 -1.77
C GLY B 132 -26.44 -9.40 -0.32
N PRO B 133 -26.37 -10.60 0.24
CA PRO B 133 -25.97 -10.69 1.64
C PRO B 133 -24.44 -10.48 1.77
N VAL B 134 -24.03 -9.89 2.88
CA VAL B 134 -22.64 -9.51 3.18
C VAL B 134 -22.29 -10.15 4.50
N ARG B 135 -21.35 -11.12 4.48
CA ARG B 135 -20.79 -11.71 5.71
C ARG B 135 -19.33 -11.37 5.81
N ALA B 136 -18.94 -10.71 6.89
CA ALA B 136 -17.54 -10.53 7.19
C ALA B 136 -16.73 -11.89 7.23
N PRO B 137 -15.51 -11.88 6.67
CA PRO B 137 -14.70 -13.10 6.87
C PRO B 137 -14.19 -13.12 8.27
N GLN B 138 -13.97 -14.30 8.82
CA GLN B 138 -13.08 -14.45 9.99
C GLN B 138 -11.68 -14.73 9.48
N VAL B 139 -10.73 -14.09 10.09
CA VAL B 139 -9.36 -14.09 9.62
C VAL B 139 -8.52 -14.63 10.81
N TYR B 140 -7.70 -15.64 10.60
CA TYR B 140 -6.80 -16.12 11.65
C TYR B 140 -5.43 -16.26 11.05
N VAL B 141 -4.39 -15.84 11.76
CA VAL B 141 -3.04 -16.05 11.36
C VAL B 141 -2.51 -17.22 12.23
N LEU B 142 -1.98 -18.25 11.58
CA LEU B 142 -1.63 -19.51 12.23
C LEU B 142 -0.15 -19.64 12.21
N PRO B 143 0.45 -20.04 13.33
CA PRO B 143 1.87 -20.23 13.33
C PRO B 143 2.35 -21.39 12.46
N PRO B 144 3.66 -21.44 12.21
CA PRO B 144 4.22 -22.61 11.58
C PRO B 144 4.05 -23.86 12.43
N PRO B 145 3.90 -25.01 11.75
CA PRO B 145 3.83 -26.26 12.48
C PRO B 145 5.14 -26.54 13.18
N ALA B 146 5.02 -27.20 14.30
CA ALA B 146 6.16 -27.66 15.08
C ALA B 146 7.20 -28.39 14.19
N GLU B 147 6.72 -29.34 13.37
CA GLU B 147 7.62 -30.14 12.50
C GLU B 147 8.43 -29.32 11.46
N GLU B 148 8.09 -28.05 11.26
CA GLU B 148 8.73 -27.17 10.30
C GLU B 148 9.84 -26.32 10.92
N MET B 149 9.79 -26.12 12.23
CA MET B 149 10.77 -25.34 12.98
C MET B 149 12.23 -25.75 12.82
N THR B 150 12.44 -26.95 12.36
CA THR B 150 13.75 -27.48 12.16
C THR B 150 14.30 -27.04 10.80
N LYS B 151 13.56 -26.19 10.09
CA LYS B 151 14.02 -25.77 8.79
C LYS B 151 14.58 -24.40 8.81
N LYS B 152 15.12 -23.99 7.67
CA LYS B 152 15.72 -22.69 7.45
C LYS B 152 14.71 -21.59 7.22
N GLU B 153 13.57 -21.99 6.71
CA GLU B 153 12.49 -21.11 6.35
C GLU B 153 11.19 -21.84 6.54
N PHE B 154 10.09 -21.11 6.57
CA PHE B 154 8.83 -21.77 6.83
C PHE B 154 7.60 -20.88 6.64
N SER B 155 6.43 -21.46 6.91
CA SER B 155 5.20 -20.98 6.32
C SER B 155 4.25 -20.47 7.37
N LEU B 156 3.89 -19.19 7.30
CA LEU B 156 2.80 -18.63 8.04
C LEU B 156 1.53 -18.68 7.19
N THR B 157 0.42 -18.99 7.82
CA THR B 157 -0.81 -19.19 7.13
C THR B 157 -1.80 -18.17 7.61
N CYS B 158 -2.36 -17.44 6.65
CA CYS B 158 -3.52 -16.60 6.93
C CYS B 158 -4.76 -17.33 6.43
N MET B 159 -5.63 -17.70 7.36
CA MET B 159 -6.88 -18.41 7.02
C MET B 159 -8.09 -17.46 7.06
N ILE B 160 -8.85 -17.42 5.96
CA ILE B 160 -9.89 -16.40 5.75
C ILE B 160 -11.13 -17.16 5.34
N THR B 161 -12.09 -17.25 6.27
CA THR B 161 -13.27 -18.06 6.06
C THR B 161 -14.61 -17.30 6.29
N GLY B 162 -15.66 -17.87 5.73
CA GLY B 162 -16.97 -17.34 5.97
C GLY B 162 -17.39 -16.06 5.27
N PHE B 163 -16.73 -15.66 4.16
CA PHE B 163 -17.05 -14.37 3.57
C PHE B 163 -18.01 -14.44 2.37
N LEU B 164 -18.78 -13.36 2.22
CA LEU B 164 -19.71 -13.10 1.11
C LEU B 164 -19.82 -11.58 0.89
N PRO B 165 -19.76 -11.10 -0.35
CA PRO B 165 -19.55 -11.84 -1.58
C PRO B 165 -18.09 -12.29 -1.74
N ALA B 166 -17.79 -12.98 -2.80
CA ALA B 166 -16.47 -13.55 -3.05
C ALA B 166 -15.33 -12.56 -3.28
N GLU B 167 -15.62 -11.28 -3.61
CA GLU B 167 -14.55 -10.30 -3.88
C GLU B 167 -13.78 -9.99 -2.60
N ILE B 168 -12.47 -10.16 -2.63
CA ILE B 168 -11.60 -9.91 -1.49
C ILE B 168 -10.22 -9.56 -1.91
N ALA B 169 -9.44 -8.89 -1.06
CA ALA B 169 -8.01 -8.69 -1.28
C ALA B 169 -7.23 -9.06 -0.01
N VAL B 170 -6.12 -9.73 -0.17
CA VAL B 170 -5.32 -10.20 0.98
C VAL B 170 -3.85 -9.93 0.69
N ASP B 171 -3.18 -9.26 1.61
CA ASP B 171 -1.77 -8.88 1.47
C ASP B 171 -1.06 -9.09 2.79
N TRP B 172 0.27 -9.19 2.72
CA TRP B 172 1.08 -9.33 3.93
C TRP B 172 2.10 -8.20 4.03
N THR B 173 2.34 -7.71 5.24
CA THR B 173 3.42 -6.76 5.49
C THR B 173 4.28 -7.18 6.66
N SER B 174 5.42 -6.50 6.81
CA SER B 174 6.18 -6.49 8.07
C SER B 174 6.85 -5.16 8.38
N ASN B 175 6.67 -4.68 9.61
CA ASN B 175 7.09 -3.33 10.01
C ASN B 175 6.76 -2.26 8.94
N GLY B 176 5.58 -2.40 8.32
CA GLY B 176 5.15 -1.51 7.23
C GLY B 176 5.77 -1.71 5.86
N ARG B 177 6.37 -2.86 5.64
CA ARG B 177 6.97 -3.21 4.38
C ARG B 177 6.15 -4.30 3.70
N THR B 178 5.76 -4.12 2.45
CA THR B 178 4.98 -5.17 1.79
C THR B 178 5.89 -6.34 1.50
N GLU B 179 5.55 -7.52 2.04
CA GLU B 179 6.37 -8.72 1.87
C GLU B 179 6.22 -9.15 0.42
N GLN B 180 7.30 -9.49 -0.24
CA GLN B 180 7.13 -9.96 -1.61
C GLN B 180 7.39 -11.46 -1.82
N ASN B 181 6.83 -12.25 -0.89
CA ASN B 181 6.96 -13.69 -0.92
C ASN B 181 5.84 -14.41 -0.16
N TYR B 182 4.62 -14.09 -0.56
CA TYR B 182 3.44 -14.79 -0.12
C TYR B 182 2.65 -15.27 -1.34
N LYS B 183 1.80 -16.29 -1.15
CA LYS B 183 0.93 -16.77 -2.23
C LYS B 183 -0.44 -17.04 -1.67
N ASN B 184 -1.43 -16.50 -2.39
CA ASN B 184 -2.84 -16.58 -2.07
C ASN B 184 -3.38 -17.79 -2.81
N THR B 185 -4.30 -18.56 -2.23
CA THR B 185 -5.02 -19.58 -3.00
C THR B 185 -6.13 -18.86 -3.69
N ALA B 186 -6.71 -19.50 -4.68
CA ALA B 186 -7.99 -19.04 -5.28
C ALA B 186 -9.07 -19.19 -4.21
N THR B 187 -10.12 -18.37 -4.27
CA THR B 187 -11.24 -18.50 -3.39
C THR B 187 -12.05 -19.76 -3.75
N VAL B 188 -12.63 -20.36 -2.74
CA VAL B 188 -13.34 -21.64 -2.84
C VAL B 188 -14.71 -21.46 -2.19
N LEU B 189 -15.72 -22.00 -2.84
CA LEU B 189 -17.11 -21.96 -2.35
C LEU B 189 -17.24 -23.08 -1.35
N ASP B 190 -17.67 -22.72 -0.15
CA ASP B 190 -17.84 -23.67 0.93
C ASP B 190 -19.30 -24.20 0.84
N SER B 191 -19.49 -25.49 1.14
CA SER B 191 -20.82 -26.15 1.32
C SER B 191 -21.90 -25.38 2.12
N ASP B 192 -21.41 -24.51 2.99
CA ASP B 192 -22.05 -23.33 3.63
C ASP B 192 -22.80 -22.26 2.80
N GLY B 193 -22.53 -22.13 1.50
CA GLY B 193 -22.90 -20.91 0.78
C GLY B 193 -21.84 -19.77 0.79
N SER B 194 -20.95 -19.74 1.80
CA SER B 194 -19.86 -18.77 1.89
C SER B 194 -18.55 -19.21 1.18
N TYR B 195 -17.53 -18.32 1.18
CA TYR B 195 -16.22 -18.60 0.54
C TYR B 195 -15.11 -18.59 1.58
N PHE B 196 -14.03 -19.29 1.24
CA PHE B 196 -12.81 -19.28 2.02
C PHE B 196 -11.60 -19.22 1.09
N MET B 197 -10.46 -18.87 1.68
CA MET B 197 -9.15 -18.89 1.03
C MET B 197 -8.07 -18.91 2.09
N TYR B 198 -6.83 -19.16 1.67
CA TYR B 198 -5.69 -19.07 2.50
C TYR B 198 -4.61 -18.29 1.78
N SER B 199 -3.69 -17.71 2.55
CA SER B 199 -2.55 -17.01 2.01
C SER B 199 -1.34 -17.52 2.77
N LYS B 200 -0.30 -17.97 2.06
CA LYS B 200 0.89 -18.57 2.68
C LYS B 200 2.06 -17.60 2.49
N LEU B 201 2.71 -17.22 3.61
CA LEU B 201 3.86 -16.35 3.61
C LEU B 201 5.07 -17.19 4.00
N ARG B 202 6.08 -17.18 3.14
CA ARG B 202 7.38 -17.83 3.44
C ARG B 202 8.27 -16.81 4.16
N VAL B 203 8.83 -17.23 5.29
CA VAL B 203 9.61 -16.38 6.18
C VAL B 203 10.95 -17.09 6.55
N GLN B 204 12.07 -16.39 6.45
CA GLN B 204 13.36 -16.93 6.94
C GLN B 204 13.35 -17.08 8.44
N LYS B 205 13.94 -18.16 8.91
CA LYS B 205 14.14 -18.39 10.34
C LYS B 205 14.72 -17.16 11.08
N SER B 206 15.73 -16.54 10.46
CA SER B 206 16.41 -15.38 11.09
C SER B 206 15.43 -14.23 11.33
N THR B 207 14.65 -13.90 10.29
CA THR B 207 13.64 -12.86 10.43
C THR B 207 12.65 -13.20 11.53
N TRP B 208 12.27 -14.47 11.60
CA TRP B 208 11.31 -14.91 12.61
C TRP B 208 11.91 -14.84 14.01
N GLU B 209 13.19 -15.21 14.13
CA GLU B 209 13.84 -15.25 15.47
C GLU B 209 14.19 -13.87 16.06
N ARG B 210 14.60 -12.92 15.24
CA ARG B 210 14.76 -11.52 15.70
C ARG B 210 13.49 -10.74 16.07
N GLY B 211 12.35 -11.40 16.15
CA GLY B 211 11.17 -10.88 16.82
C GLY B 211 10.16 -10.13 15.92
N SER B 212 10.36 -10.16 14.60
CA SER B 212 9.53 -9.38 13.67
C SER B 212 8.05 -9.77 13.67
N LEU B 213 7.21 -8.76 13.42
CA LEU B 213 5.75 -8.84 13.36
C LEU B 213 5.34 -8.98 11.91
N PHE B 214 4.58 -10.03 11.63
CA PHE B 214 4.04 -10.29 10.28
C PHE B 214 2.53 -10.00 10.28
N ALA B 215 2.07 -9.25 9.32
CA ALA B 215 0.67 -8.80 9.37
C ALA B 215 0.02 -9.23 8.07
N CYS B 216 -1.05 -10.03 8.18
CA CYS B 216 -1.97 -10.41 7.09
C CYS B 216 -3.09 -9.38 7.03
N SER B 217 -3.15 -8.54 6.03
CA SER B 217 -4.28 -7.60 5.94
C SER B 217 -5.33 -7.95 4.82
N VAL B 218 -6.60 -7.96 5.21
CA VAL B 218 -7.67 -8.45 4.41
C VAL B 218 -8.63 -7.27 4.16
N VAL B 219 -8.98 -7.03 2.90
CA VAL B 219 -9.97 -6.01 2.47
C VAL B 219 -11.19 -6.68 1.93
N HIS B 220 -12.36 -6.29 2.48
CA HIS B 220 -13.59 -6.92 2.18
C HIS B 220 -14.81 -6.07 2.68
N GLU B 221 -15.92 -6.18 1.96
CA GLU B 221 -17.11 -5.31 2.22
C GLU B 221 -17.73 -5.28 3.61
N GLY B 222 -17.78 -6.49 4.21
CA GLY B 222 -18.03 -6.80 5.62
C GLY B 222 -17.23 -6.18 6.76
N LEU B 223 -16.08 -5.55 6.52
CA LEU B 223 -15.15 -5.17 7.59
C LEU B 223 -15.16 -3.68 7.90
N HIS B 224 -15.08 -3.38 9.19
CA HIS B 224 -15.10 -2.02 9.62
C HIS B 224 -13.94 -1.33 8.92
N ASN B 225 -14.20 -0.11 8.45
CA ASN B 225 -13.30 0.68 7.58
C ASN B 225 -12.84 -0.18 6.39
N HIS B 226 -13.60 -1.21 6.04
CA HIS B 226 -13.26 -2.14 4.92
C HIS B 226 -11.95 -2.92 5.01
N LEU B 227 -11.45 -3.07 6.24
CA LEU B 227 -10.13 -3.52 6.44
C LEU B 227 -9.94 -4.18 7.82
N THR B 228 -9.17 -5.26 7.85
CA THR B 228 -8.70 -5.80 9.15
C THR B 228 -7.32 -6.41 8.97
N THR B 229 -6.54 -6.36 10.03
CA THR B 229 -5.17 -6.79 9.94
C THR B 229 -4.81 -7.62 11.19
N LYS B 230 -4.37 -8.86 11.01
CA LYS B 230 -4.02 -9.71 12.12
C LYS B 230 -2.53 -9.94 12.04
N THR B 231 -1.89 -9.95 13.21
CA THR B 231 -0.43 -9.93 13.32
C THR B 231 0.01 -11.16 14.12
N ILE B 232 1.18 -11.66 13.79
CA ILE B 232 1.76 -12.78 14.51
C ILE B 232 3.23 -12.50 14.64
N SER B 233 3.83 -13.03 15.70
CA SER B 233 5.27 -13.10 15.86
C SER B 233 5.64 -14.24 16.84
N ARG B 234 6.92 -14.58 16.91
CA ARG B 234 7.56 -15.47 17.95
C ARG B 234 6.94 -15.36 19.36
#